data_6N5F
#
_entry.id   6N5F
#
_cell.length_a   51.005
_cell.length_b   77.903
_cell.length_c   88.196
_cell.angle_alpha   90.000
_cell.angle_beta   90.000
_cell.angle_gamma   90.000
#
_symmetry.space_group_name_H-M   'P 2 21 21'
#
loop_
_entity.id
_entity.type
_entity.pdbx_description
1 polymer 'Epoxide hydrolase TrEH'
2 non-polymer N-(8-amino-8-oxooctyl)nonanamide
3 water water
#
_entity_poly.entity_id   1
_entity_poly.type   'polypeptide(L)'
_entity_poly.pdbx_seq_one_letter_code
;MDTSKLKPNDPRVKYETKQIRGKTYSYILGEPAGPKLETVVLVHGWPDMAFGWRHQIPYLMSLGFQVVAPNMLGYAGTDA
PRDLSQFTLKSVSADIAELARSFVGQDGQIVLGGHDWGGAVVWRTAYYHPELVKAVFSVCTPLHPLSAEYKPLEDIVAAG
HMLNFKYQLQLKGPDVEARIQGKDMLRRFFRAMFGGRGPNGEAGFSTSDGVHFDVLDKIGAPPLLDEQELEYYVEQYALQ
EAPELRGPLNWYRTRELNAKDEMDRAKNGPPLRFEMPALFVAASKDNALPPAMSKGMDAFYKDLTRAEVDATHWALTQAG
DEVNRVIGEWLNKALG
;
_entity_poly.pdbx_strand_id   A
#
# COMPACT_ATOMS: atom_id res chain seq x y z
N MET A 1 -6.82 -26.19 7.80
CA MET A 1 -6.18 -25.18 6.93
C MET A 1 -4.84 -24.62 7.47
N ASP A 2 -3.79 -24.70 6.64
CA ASP A 2 -2.47 -24.14 6.94
C ASP A 2 -2.53 -22.61 6.99
N THR A 3 -2.13 -22.05 8.12
CA THR A 3 -2.30 -20.61 8.38
C THR A 3 -0.99 -19.83 8.28
N SER A 4 0.12 -20.48 7.91
CA SER A 4 1.38 -19.78 7.84
C SER A 4 1.43 -18.92 6.57
N LYS A 5 2.42 -18.01 6.52
CA LYS A 5 2.50 -17.02 5.46
C LYS A 5 2.63 -17.68 4.09
N LEU A 6 2.13 -16.99 3.06
CA LEU A 6 2.35 -17.48 1.70
C LEU A 6 3.84 -17.58 1.39
N LYS A 7 4.19 -18.61 0.67
CA LYS A 7 5.48 -18.71 0.04
C LYS A 7 5.37 -18.28 -1.41
N PRO A 8 6.48 -17.97 -2.09
CA PRO A 8 6.38 -17.61 -3.51
C PRO A 8 5.67 -18.73 -4.26
N ASN A 9 4.71 -18.34 -5.10
CA ASN A 9 3.88 -19.28 -5.88
C ASN A 9 3.15 -20.30 -5.01
N ASP A 10 2.70 -19.86 -3.84
CA ASP A 10 1.96 -20.72 -2.92
C ASP A 10 0.72 -21.30 -3.61
N PRO A 11 0.49 -22.61 -3.51
CA PRO A 11 -0.70 -23.22 -4.14
C PRO A 11 -2.00 -23.06 -3.36
N ARG A 12 -1.98 -22.48 -2.17
CA ARG A 12 -3.21 -22.25 -1.43
C ARG A 12 -4.07 -21.11 -1.97
N VAL A 13 -3.54 -20.30 -2.89
CA VAL A 13 -4.26 -19.18 -3.49
C VAL A 13 -4.21 -19.31 -5.02
N LYS A 14 -5.04 -18.50 -5.70
CA LYS A 14 -5.06 -18.43 -7.16
C LYS A 14 -4.43 -17.12 -7.63
N TYR A 15 -3.87 -17.15 -8.83
CA TYR A 15 -3.24 -15.97 -9.43
C TYR A 15 -3.97 -15.67 -10.72
N GLU A 16 -4.65 -14.51 -10.77
CA GLU A 16 -5.57 -14.22 -11.87
C GLU A 16 -5.37 -12.79 -12.36
N THR A 17 -5.97 -12.48 -13.50
CA THR A 17 -6.15 -11.11 -13.96
C THR A 17 -7.59 -10.86 -14.38
N LYS A 18 -7.98 -9.59 -14.32
CA LYS A 18 -9.22 -9.11 -14.91
C LYS A 18 -8.92 -7.77 -15.56
N GLN A 19 -9.66 -7.46 -16.64
CA GLN A 19 -9.68 -6.09 -17.15
C GLN A 19 -10.52 -5.23 -16.22
N ILE A 20 -9.95 -4.11 -15.76
CA ILE A 20 -10.59 -3.24 -14.77
C ILE A 20 -10.36 -1.82 -15.27
N ARG A 21 -11.43 -1.14 -15.66
CA ARG A 21 -11.39 0.27 -16.09
C ARG A 21 -10.28 0.52 -17.12
N GLY A 22 -10.20 -0.38 -18.12
CA GLY A 22 -9.27 -0.20 -19.23
C GLY A 22 -7.86 -0.74 -19.02
N LYS A 23 -7.58 -1.37 -17.89
CA LYS A 23 -6.24 -1.88 -17.54
C LYS A 23 -6.35 -3.35 -17.15
N THR A 24 -5.28 -4.11 -17.43
CA THR A 24 -5.16 -5.44 -16.84
C THR A 24 -4.68 -5.29 -15.40
N TYR A 25 -5.48 -5.78 -14.45
CA TYR A 25 -5.08 -5.94 -13.06
C TYR A 25 -4.81 -7.40 -12.74
N SER A 26 -3.64 -7.69 -12.18
CA SER A 26 -3.32 -8.99 -11.62
C SER A 26 -3.60 -8.98 -10.11
N TYR A 27 -3.97 -10.14 -9.58
CA TYR A 27 -4.27 -10.18 -8.15
C TYR A 27 -4.05 -11.59 -7.65
N ILE A 28 -3.91 -11.68 -6.32
CA ILE A 28 -4.02 -12.93 -5.57
C ILE A 28 -5.45 -13.07 -5.08
N LEU A 29 -6.03 -14.27 -5.24
CA LEU A 29 -7.36 -14.60 -4.75
C LEU A 29 -7.27 -15.81 -3.82
N GLY A 30 -7.69 -15.63 -2.56
CA GLY A 30 -7.73 -16.73 -1.62
C GLY A 30 -9.16 -16.98 -1.21
N GLU A 31 -9.63 -18.27 -1.25
CA GLU A 31 -11.01 -18.57 -0.95
C GLU A 31 -11.16 -18.88 0.53
N PRO A 32 -12.32 -18.59 1.11
CA PRO A 32 -12.48 -18.77 2.55
C PRO A 32 -12.50 -20.25 2.93
N ALA A 33 -12.05 -20.51 4.14
CA ALA A 33 -12.34 -21.76 4.82
C ALA A 33 -13.68 -21.60 5.50
N GLY A 34 -14.67 -22.41 5.09
CA GLY A 34 -16.02 -22.26 5.58
C GLY A 34 -16.83 -21.36 4.67
N PRO A 35 -18.13 -21.26 4.94
CA PRO A 35 -18.98 -20.33 4.19
C PRO A 35 -18.46 -18.90 4.35
N LYS A 36 -18.44 -18.16 3.24
CA LYS A 36 -17.81 -16.84 3.22
C LYS A 36 -18.50 -15.90 4.20
N LEU A 37 -17.73 -15.24 5.06
CA LEU A 37 -18.28 -14.17 5.87
C LEU A 37 -18.34 -12.86 5.08
N GLU A 38 -17.19 -12.43 4.54
CA GLU A 38 -17.10 -11.23 3.71
C GLU A 38 -15.99 -11.43 2.70
N THR A 39 -15.94 -10.54 1.70
CA THR A 39 -14.78 -10.39 0.85
C THR A 39 -13.92 -9.23 1.36
N VAL A 40 -12.63 -9.49 1.56
CA VAL A 40 -11.65 -8.48 1.97
C VAL A 40 -10.75 -8.18 0.77
N VAL A 41 -10.57 -6.89 0.47
CA VAL A 41 -9.65 -6.44 -0.57
C VAL A 41 -8.48 -5.76 0.13
N LEU A 42 -7.26 -6.16 -0.19
CA LEU A 42 -6.06 -5.65 0.47
C LEU A 42 -5.21 -4.91 -0.54
N VAL A 43 -4.68 -3.75 -0.15
CA VAL A 43 -4.04 -2.81 -1.08
C VAL A 43 -2.64 -2.47 -0.56
N HIS A 44 -1.59 -2.91 -1.27
CA HIS A 44 -0.21 -2.63 -0.88
C HIS A 44 0.23 -1.21 -1.29
N GLY A 45 1.48 -0.88 -0.95
CA GLY A 45 2.12 0.37 -1.31
C GLY A 45 3.51 0.16 -1.91
N TRP A 46 4.38 1.17 -1.68
CA TRP A 46 5.66 1.25 -2.40
C TRP A 46 6.84 0.88 -1.48
N PRO A 47 7.80 0.05 -1.96
CA PRO A 47 7.86 -0.72 -3.21
C PRO A 47 7.50 -2.13 -2.85
N ASP A 48 6.20 -2.40 -2.76
CA ASP A 48 5.69 -3.69 -2.34
C ASP A 48 4.95 -4.32 -3.53
N MET A 49 4.16 -5.34 -3.25
CA MET A 49 3.26 -5.95 -4.23
C MET A 49 2.25 -6.76 -3.44
N ALA A 50 1.34 -7.45 -4.13
CA ALA A 50 0.30 -8.19 -3.42
C ALA A 50 0.89 -9.15 -2.38
N PHE A 51 2.01 -9.82 -2.74
CA PHE A 51 2.75 -10.72 -1.84
C PHE A 51 3.15 -10.05 -0.53
N GLY A 52 3.21 -8.71 -0.48
CA GLY A 52 3.48 -8.06 0.79
C GLY A 52 2.45 -8.37 1.87
N TRP A 53 1.28 -8.87 1.48
CA TRP A 53 0.23 -9.29 2.41
C TRP A 53 0.30 -10.80 2.73
N ARG A 54 1.44 -11.44 2.47
CA ARG A 54 1.53 -12.90 2.59
C ARG A 54 1.25 -13.44 3.99
N HIS A 55 1.43 -12.63 5.06
CA HIS A 55 1.06 -13.11 6.39
C HIS A 55 -0.44 -13.02 6.64
N GLN A 56 -1.08 -11.98 6.08
CA GLN A 56 -2.49 -11.72 6.31
C GLN A 56 -3.39 -12.60 5.44
N ILE A 57 -2.99 -12.88 4.20
CA ILE A 57 -3.89 -13.53 3.24
C ILE A 57 -4.36 -14.88 3.79
N PRO A 58 -3.50 -15.84 4.10
CA PRO A 58 -4.02 -17.13 4.61
C PRO A 58 -4.65 -17.04 5.99
N TYR A 59 -4.20 -16.12 6.84
CA TYR A 59 -4.88 -15.90 8.10
C TYR A 59 -6.34 -15.51 7.89
N LEU A 60 -6.59 -14.51 7.04
CA LEU A 60 -7.96 -14.06 6.80
C LEU A 60 -8.78 -15.12 6.10
N MET A 61 -8.17 -15.86 5.17
CA MET A 61 -8.88 -17.02 4.61
C MET A 61 -9.34 -17.97 5.70
N SER A 62 -8.44 -18.30 6.66
CA SER A 62 -8.80 -19.23 7.73
C SER A 62 -9.90 -18.68 8.64
N LEU A 63 -10.07 -17.35 8.71
CA LEU A 63 -11.14 -16.76 9.51
C LEU A 63 -12.50 -16.82 8.83
N GLY A 64 -12.55 -17.19 7.55
CA GLY A 64 -13.80 -17.20 6.81
C GLY A 64 -13.92 -16.15 5.72
N PHE A 65 -12.85 -15.42 5.40
CA PHE A 65 -12.94 -14.37 4.39
C PHE A 65 -12.40 -14.81 3.04
N GLN A 66 -13.09 -14.40 1.97
CA GLN A 66 -12.49 -14.40 0.65
C GLN A 66 -11.54 -13.20 0.58
N VAL A 67 -10.35 -13.39 0.00
CA VAL A 67 -9.34 -12.32 -0.01
C VAL A 67 -8.91 -12.04 -1.44
N VAL A 68 -8.97 -10.76 -1.82
CA VAL A 68 -8.54 -10.29 -3.13
C VAL A 68 -7.43 -9.29 -2.85
N ALA A 69 -6.21 -9.59 -3.29
CA ALA A 69 -5.09 -8.68 -3.08
C ALA A 69 -4.48 -8.33 -4.43
N PRO A 70 -4.85 -7.20 -5.04
CA PRO A 70 -4.26 -6.87 -6.35
C PRO A 70 -2.81 -6.41 -6.24
N ASN A 71 -2.03 -6.72 -7.28
CA ASN A 71 -0.88 -5.87 -7.58
C ASN A 71 -1.42 -4.55 -8.10
N MET A 72 -1.03 -3.45 -7.47
CA MET A 72 -1.65 -2.18 -7.82
C MET A 72 -1.07 -1.64 -9.13
N LEU A 73 -1.72 -0.59 -9.64
CA LEU A 73 -1.32 0.01 -10.91
C LEU A 73 0.17 0.29 -10.90
N GLY A 74 0.86 -0.20 -11.91
CA GLY A 74 2.29 -0.01 -12.01
C GLY A 74 3.14 -1.18 -11.59
N TYR A 75 2.58 -2.18 -10.90
CA TYR A 75 3.37 -3.16 -10.18
C TYR A 75 3.21 -4.57 -10.76
N ALA A 76 4.33 -5.29 -10.84
CA ALA A 76 4.34 -6.71 -11.17
C ALA A 76 3.50 -7.05 -12.41
N GLY A 77 2.52 -7.96 -12.29
CA GLY A 77 1.72 -8.29 -13.48
C GLY A 77 0.60 -7.35 -13.85
N THR A 78 0.48 -6.21 -13.16
CA THR A 78 -0.57 -5.24 -13.48
C THR A 78 0.00 -4.17 -14.41
N ASP A 79 -0.86 -3.66 -15.30
CA ASP A 79 -0.41 -2.65 -16.27
C ASP A 79 0.16 -1.42 -15.59
N ALA A 80 1.03 -0.71 -16.32
CA ALA A 80 1.60 0.58 -15.92
C ALA A 80 1.31 1.61 -17.02
N PRO A 81 0.15 2.27 -17.00
CA PRO A 81 -0.19 3.25 -18.04
C PRO A 81 0.81 4.40 -18.08
N ARG A 82 0.95 5.02 -19.26
CA ARG A 82 1.84 6.18 -19.34
C ARG A 82 1.17 7.43 -18.80
N ASP A 83 -0.15 7.46 -18.81
CA ASP A 83 -0.93 8.61 -18.40
C ASP A 83 -0.96 8.72 -16.86
N LEU A 84 -0.39 9.79 -16.32
CA LEU A 84 -0.37 9.91 -14.86
C LEU A 84 -1.76 10.04 -14.27
N SER A 85 -2.74 10.50 -15.05
CA SER A 85 -4.08 10.64 -14.49
C SER A 85 -4.65 9.30 -14.05
N GLN A 86 -4.11 8.18 -14.57
CA GLN A 86 -4.55 6.86 -14.12
C GLN A 86 -4.09 6.56 -12.70
N PHE A 87 -3.10 7.29 -12.19
CA PHE A 87 -2.46 6.97 -10.91
C PHE A 87 -3.00 7.80 -9.75
N THR A 88 -4.00 8.65 -9.98
CA THR A 88 -4.51 9.46 -8.89
C THR A 88 -5.19 8.57 -7.88
N LEU A 89 -5.31 9.07 -6.66
CA LEU A 89 -6.03 8.32 -5.64
C LEU A 89 -7.49 8.11 -6.03
N LYS A 90 -8.09 9.08 -6.71
CA LYS A 90 -9.49 8.90 -7.10
C LYS A 90 -9.64 7.83 -8.19
N SER A 91 -8.75 7.82 -9.18
CA SER A 91 -8.89 6.83 -10.25
C SER A 91 -8.58 5.44 -9.73
N VAL A 92 -7.57 5.31 -8.87
CA VAL A 92 -7.25 4.00 -8.33
C VAL A 92 -8.35 3.54 -7.38
N SER A 93 -8.98 4.46 -6.64
CA SER A 93 -10.12 4.06 -5.82
C SER A 93 -11.24 3.51 -6.69
N ALA A 94 -11.45 4.11 -7.87
CA ALA A 94 -12.47 3.60 -8.78
C ALA A 94 -12.09 2.22 -9.34
N ASP A 95 -10.80 2.00 -9.62
CA ASP A 95 -10.35 0.67 -10.00
C ASP A 95 -10.70 -0.33 -8.92
N ILE A 96 -10.38 0.01 -7.67
CA ILE A 96 -10.64 -0.89 -6.55
C ILE A 96 -12.14 -1.18 -6.45
N ALA A 97 -12.97 -0.14 -6.58
CA ALA A 97 -14.42 -0.35 -6.52
C ALA A 97 -14.90 -1.32 -7.60
N GLU A 98 -14.49 -1.09 -8.86
CA GLU A 98 -14.89 -1.99 -9.95
C GLU A 98 -14.39 -3.42 -9.72
N LEU A 99 -13.16 -3.56 -9.28
CA LEU A 99 -12.62 -4.90 -9.03
C LEU A 99 -13.38 -5.59 -7.91
N ALA A 100 -13.64 -4.86 -6.82
CA ALA A 100 -14.41 -5.39 -5.70
C ALA A 100 -15.77 -5.88 -6.17
N ARG A 101 -16.50 -5.00 -6.88
CA ARG A 101 -17.83 -5.36 -7.36
C ARG A 101 -17.79 -6.46 -8.39
N SER A 102 -16.65 -6.71 -9.05
CA SER A 102 -16.60 -7.88 -9.93
C SER A 102 -16.60 -9.18 -9.15
N PHE A 103 -16.37 -9.13 -7.84
CA PHE A 103 -16.55 -10.32 -7.01
C PHE A 103 -17.84 -10.30 -6.22
N VAL A 104 -18.24 -9.15 -5.65
CA VAL A 104 -19.39 -9.13 -4.76
C VAL A 104 -20.68 -8.65 -5.45
N GLY A 105 -20.65 -8.37 -6.74
CA GLY A 105 -21.78 -7.76 -7.40
C GLY A 105 -21.88 -6.27 -7.12
N GLN A 106 -22.65 -5.57 -7.97
CA GLN A 106 -22.67 -4.10 -7.89
C GLN A 106 -23.30 -3.62 -6.59
N ASP A 107 -24.21 -4.41 -6.03
CA ASP A 107 -24.89 -4.12 -4.78
C ASP A 107 -24.13 -4.63 -3.56
N GLY A 108 -22.99 -5.30 -3.73
CA GLY A 108 -22.31 -5.93 -2.61
C GLY A 108 -21.44 -4.95 -1.83
N GLN A 109 -20.88 -5.45 -0.73
CA GLN A 109 -19.98 -4.65 0.09
C GLN A 109 -18.71 -5.44 0.35
N ILE A 110 -17.63 -4.75 0.77
CA ILE A 110 -16.37 -5.39 1.10
C ILE A 110 -15.80 -4.79 2.38
N VAL A 111 -14.91 -5.54 2.99
CA VAL A 111 -13.96 -5.02 3.97
C VAL A 111 -12.73 -4.62 3.15
N LEU A 112 -12.18 -3.43 3.42
CA LEU A 112 -11.07 -2.89 2.65
C LEU A 112 -9.89 -2.62 3.55
N GLY A 113 -8.70 -3.10 3.17
CA GLY A 113 -7.50 -2.92 3.99
C GLY A 113 -6.33 -2.44 3.16
N GLY A 114 -5.54 -1.53 3.73
CA GLY A 114 -4.43 -0.94 3.01
C GLY A 114 -3.20 -0.73 3.87
N HIS A 115 -2.05 -0.59 3.21
CA HIS A 115 -0.76 -0.30 3.87
C HIS A 115 0.00 0.69 3.01
N ASP A 116 0.63 1.69 3.63
CA ASP A 116 1.52 2.60 2.87
C ASP A 116 0.65 3.36 1.88
N TRP A 117 1.04 3.51 0.59
CA TRP A 117 0.16 4.19 -0.36
C TRP A 117 -1.20 3.52 -0.43
N GLY A 118 -1.25 2.20 -0.25
CA GLY A 118 -2.52 1.51 -0.15
C GLY A 118 -3.39 2.04 0.97
N GLY A 119 -2.76 2.42 2.10
CA GLY A 119 -3.52 3.02 3.20
C GLY A 119 -4.21 4.32 2.78
N ALA A 120 -3.47 5.19 2.09
CA ALA A 120 -4.08 6.38 1.51
C ALA A 120 -5.19 6.02 0.52
N VAL A 121 -4.96 4.99 -0.33
CA VAL A 121 -6.01 4.59 -1.27
C VAL A 121 -7.27 4.20 -0.53
N VAL A 122 -7.14 3.38 0.53
CA VAL A 122 -8.37 2.84 1.09
C VAL A 122 -9.18 3.91 1.83
N TRP A 123 -8.54 4.89 2.47
CA TRP A 123 -9.33 5.97 3.06
C TRP A 123 -10.08 6.74 1.97
N ARG A 124 -9.41 7.05 0.85
CA ARG A 124 -10.11 7.71 -0.26
C ARG A 124 -11.21 6.83 -0.84
N THR A 125 -10.98 5.51 -0.95
CA THR A 125 -11.99 4.63 -1.51
C THR A 125 -13.25 4.62 -0.65
N ALA A 126 -13.09 4.64 0.69
CA ALA A 126 -14.22 4.72 1.61
C ALA A 126 -14.94 6.05 1.51
N TYR A 127 -14.21 7.10 1.11
CA TYR A 127 -14.81 8.41 0.95
C TYR A 127 -15.55 8.52 -0.37
N TYR A 128 -14.92 8.03 -1.46
CA TYR A 128 -15.55 8.09 -2.77
C TYR A 128 -16.64 7.05 -2.96
N HIS A 129 -16.55 5.92 -2.27
CA HIS A 129 -17.46 4.77 -2.50
C HIS A 129 -18.01 4.24 -1.19
N PRO A 130 -18.74 5.06 -0.43
CA PRO A 130 -19.30 4.56 0.83
C PRO A 130 -20.37 3.47 0.61
N GLU A 131 -21.02 3.43 -0.55
CA GLU A 131 -21.95 2.33 -0.84
C GLU A 131 -21.25 0.97 -0.69
N LEU A 132 -19.96 0.92 -0.98
CA LEU A 132 -19.26 -0.34 -1.13
C LEU A 132 -18.53 -0.80 0.13
N VAL A 133 -18.02 0.12 0.94
CA VAL A 133 -17.03 -0.22 1.97
C VAL A 133 -17.75 -0.39 3.30
N LYS A 134 -17.83 -1.65 3.77
CA LYS A 134 -18.50 -2.01 5.02
C LYS A 134 -17.62 -1.74 6.24
N ALA A 135 -16.32 -1.95 6.09
CA ALA A 135 -15.37 -1.67 7.14
C ALA A 135 -14.03 -1.41 6.45
N VAL A 136 -13.17 -0.60 7.06
CA VAL A 136 -11.93 -0.24 6.40
C VAL A 136 -10.80 -0.12 7.42
N PHE A 137 -9.59 -0.55 7.04
CA PHE A 137 -8.46 -0.42 7.94
C PHE A 137 -7.22 -0.05 7.15
N SER A 138 -6.28 0.59 7.86
CA SER A 138 -5.00 0.97 7.29
C SER A 138 -3.88 0.67 8.28
N VAL A 139 -2.77 0.14 7.77
CA VAL A 139 -1.57 -0.07 8.56
C VAL A 139 -0.56 0.99 8.14
N CYS A 140 -0.04 1.74 9.13
CA CYS A 140 0.97 2.82 9.03
C CYS A 140 0.40 4.14 8.57
N THR A 141 -0.45 4.14 7.53
CA THR A 141 -0.82 5.39 6.86
C THR A 141 -2.01 6.02 7.55
N PRO A 142 -1.86 7.21 8.15
CA PRO A 142 -3.01 7.87 8.75
C PRO A 142 -3.82 8.57 7.65
N LEU A 143 -4.97 9.09 8.07
CA LEU A 143 -5.75 9.93 7.17
C LEU A 143 -5.02 11.25 6.90
N HIS A 144 -5.17 11.77 5.68
CA HIS A 144 -4.73 13.14 5.44
C HIS A 144 -5.92 13.92 4.92
N PRO A 145 -6.03 15.20 5.26
CA PRO A 145 -7.24 15.95 4.90
C PRO A 145 -7.33 16.12 3.39
N LEU A 146 -8.51 16.52 2.93
CA LEU A 146 -8.66 16.87 1.53
C LEU A 146 -7.84 18.11 1.23
N SER A 147 -7.04 18.06 0.16
CA SER A 147 -6.22 19.20 -0.24
C SER A 147 -7.07 20.43 -0.50
N ALA A 148 -6.72 21.53 0.16
CA ALA A 148 -7.37 22.81 -0.07
C ALA A 148 -6.56 23.76 -0.97
N GLU A 149 -5.35 23.36 -1.36
CA GLU A 149 -4.37 24.18 -2.05
C GLU A 149 -3.37 23.23 -2.68
N TYR A 150 -2.67 23.69 -3.73
CA TYR A 150 -1.51 22.97 -4.25
C TYR A 150 -0.25 23.80 -4.04
N LYS A 151 0.76 23.18 -3.42
CA LYS A 151 2.08 23.77 -3.29
C LYS A 151 3.10 22.73 -3.72
N PRO A 152 4.06 23.06 -4.58
CA PRO A 152 5.10 22.09 -4.92
C PRO A 152 5.79 21.60 -3.66
N LEU A 153 6.03 20.29 -3.61
CA LEU A 153 6.74 19.72 -2.47
C LEU A 153 8.13 20.35 -2.27
N GLU A 154 8.79 20.71 -3.38
CA GLU A 154 10.08 21.41 -3.26
C GLU A 154 9.97 22.63 -2.36
N ASP A 155 8.89 23.40 -2.53
CA ASP A 155 8.69 24.62 -1.73
C ASP A 155 8.36 24.29 -0.30
N ILE A 156 7.55 23.23 -0.11
CA ILE A 156 7.17 22.81 1.25
C ILE A 156 8.40 22.45 2.06
N VAL A 157 9.29 21.61 1.50
CA VAL A 157 10.44 21.16 2.29
C VAL A 157 11.49 22.26 2.39
N ALA A 158 11.60 23.14 1.39
CA ALA A 158 12.53 24.26 1.50
C ALA A 158 12.14 25.21 2.62
N ALA A 159 10.86 25.23 3.01
CA ALA A 159 10.44 25.98 4.20
C ALA A 159 10.55 25.16 5.48
N GLY A 160 11.09 23.95 5.42
CA GLY A 160 11.32 23.16 6.61
C GLY A 160 10.14 22.30 7.03
N HIS A 161 9.16 22.10 6.17
CA HIS A 161 7.96 21.34 6.53
C HIS A 161 7.94 20.00 5.81
N MET A 162 7.18 19.06 6.39
CA MET A 162 7.01 17.72 5.84
C MET A 162 8.37 17.10 5.51
N LEU A 163 9.35 17.28 6.40
CA LEU A 163 10.70 16.81 6.09
C LEU A 163 10.80 15.29 6.06
N ASN A 164 9.90 14.57 6.74
CA ASN A 164 9.86 13.12 6.63
C ASN A 164 9.50 12.62 5.23
N PHE A 165 9.03 13.50 4.32
CA PHE A 165 8.66 13.12 2.95
C PHE A 165 9.67 13.61 1.90
N LYS A 166 10.80 14.19 2.31
CA LYS A 166 11.69 14.80 1.33
C LYS A 166 12.21 13.77 0.33
N TYR A 167 12.34 12.49 0.75
CA TYR A 167 12.77 11.44 -0.18
C TYR A 167 11.85 11.35 -1.40
N GLN A 168 10.60 11.84 -1.31
CA GLN A 168 9.71 11.78 -2.47
C GLN A 168 10.20 12.66 -3.62
N LEU A 169 11.04 13.66 -3.35
CA LEU A 169 11.59 14.45 -4.46
C LEU A 169 12.46 13.58 -5.34
N GLN A 170 13.38 12.83 -4.74
CA GLN A 170 14.22 11.94 -5.53
C GLN A 170 13.37 10.91 -6.27
N LEU A 171 12.36 10.34 -5.59
CA LEU A 171 11.61 9.26 -6.20
C LEU A 171 10.83 9.75 -7.42
N LYS A 172 10.27 10.95 -7.32
CA LYS A 172 9.51 11.58 -8.41
C LYS A 172 10.38 11.95 -9.62
N GLY A 173 11.67 12.21 -9.43
CA GLY A 173 12.53 12.63 -10.52
C GLY A 173 13.02 11.48 -11.37
N PRO A 174 14.12 11.72 -12.10
CA PRO A 174 14.65 10.70 -13.02
C PRO A 174 15.62 9.70 -12.39
N ASP A 175 16.18 9.96 -11.19
CA ASP A 175 17.39 9.23 -10.77
C ASP A 175 17.10 7.76 -10.47
N VAL A 176 16.09 7.49 -9.65
CA VAL A 176 15.82 6.10 -9.27
C VAL A 176 15.34 5.31 -10.47
N GLU A 177 14.41 5.89 -11.23
CA GLU A 177 13.94 5.24 -12.44
C GLU A 177 15.09 4.89 -13.38
N ALA A 178 16.03 5.83 -13.59
CA ALA A 178 17.13 5.56 -14.52
C ALA A 178 18.12 4.53 -13.96
N ARG A 179 18.45 4.59 -12.66
CA ARG A 179 19.51 3.73 -12.14
C ARG A 179 19.06 2.34 -11.72
N ILE A 180 17.83 2.16 -11.24
CA ILE A 180 17.45 0.83 -10.77
C ILE A 180 16.70 0.12 -11.90
N GLN A 181 17.46 -0.43 -12.86
CA GLN A 181 16.92 -1.19 -13.96
C GLN A 181 17.62 -2.53 -14.04
N GLY A 182 16.87 -3.56 -14.39
CA GLY A 182 17.38 -4.91 -14.50
C GLY A 182 17.36 -5.63 -13.17
N LYS A 183 17.40 -6.97 -13.25
CA LYS A 183 17.31 -7.79 -12.05
C LYS A 183 18.47 -7.58 -11.10
N ASP A 184 19.68 -7.31 -11.60
CA ASP A 184 20.82 -7.13 -10.70
C ASP A 184 20.63 -5.92 -9.80
N MET A 185 20.20 -4.79 -10.39
CA MET A 185 19.96 -3.59 -9.59
C MET A 185 18.70 -3.73 -8.75
N LEU A 186 17.64 -4.35 -9.31
CA LEU A 186 16.45 -4.61 -8.49
C LEU A 186 16.79 -5.43 -7.25
N ARG A 187 17.66 -6.44 -7.39
CA ARG A 187 18.01 -7.23 -6.22
C ARG A 187 18.68 -6.39 -5.14
N ARG A 188 19.61 -5.51 -5.53
CA ARG A 188 20.27 -4.65 -4.55
C ARG A 188 19.31 -3.65 -3.94
N PHE A 189 18.42 -3.10 -4.76
CA PHE A 189 17.37 -2.19 -4.28
C PHE A 189 16.53 -2.86 -3.18
N PHE A 190 16.05 -4.09 -3.41
CA PHE A 190 15.22 -4.72 -2.39
C PHE A 190 16.02 -5.11 -1.14
N ARG A 191 17.30 -5.50 -1.29
CA ARG A 191 18.09 -5.71 -0.07
C ARG A 191 18.12 -4.42 0.75
N ALA A 192 18.26 -3.29 0.06
CA ALA A 192 18.28 -1.99 0.74
C ALA A 192 16.93 -1.66 1.37
N MET A 193 15.85 -1.77 0.61
CA MET A 193 14.55 -1.33 1.11
C MET A 193 14.06 -2.21 2.27
N PHE A 194 14.51 -3.46 2.35
CA PHE A 194 14.09 -4.31 3.45
C PHE A 194 15.17 -4.48 4.52
N GLY A 195 16.06 -3.48 4.63
CA GLY A 195 16.85 -3.30 5.83
C GLY A 195 18.26 -3.83 5.81
N GLY A 196 18.77 -4.27 4.67
CA GLY A 196 20.13 -4.77 4.64
C GLY A 196 21.11 -3.62 4.84
N ARG A 197 22.32 -3.94 5.31
CA ARG A 197 23.26 -2.87 5.65
C ARG A 197 24.63 -3.15 5.07
N GLY A 198 25.42 -2.09 4.95
CA GLY A 198 26.78 -2.20 4.46
C GLY A 198 27.81 -2.53 5.53
N PRO A 199 29.07 -2.71 5.10
CA PRO A 199 30.13 -3.10 6.05
C PRO A 199 30.34 -2.09 7.17
N ASN A 200 30.02 -0.83 6.94
CA ASN A 200 30.13 0.18 7.99
C ASN A 200 28.77 0.73 8.37
N GLY A 201 27.76 -0.11 8.25
CA GLY A 201 26.43 0.26 8.69
C GLY A 201 25.66 1.15 7.74
N GLU A 202 26.13 1.29 6.50
CA GLU A 202 25.44 2.14 5.53
C GLU A 202 24.02 1.63 5.32
N ALA A 203 23.05 2.55 5.33
CA ALA A 203 21.67 2.23 4.99
C ALA A 203 21.43 2.58 3.53
N GLY A 204 20.61 1.77 2.87
CA GLY A 204 20.29 1.99 1.47
C GLY A 204 19.20 3.01 1.22
N PHE A 205 18.49 3.43 2.26
CA PHE A 205 17.38 4.36 2.08
C PHE A 205 17.30 5.29 3.29
N SER A 206 17.01 6.57 3.04
CA SER A 206 16.68 7.50 4.13
C SER A 206 15.46 8.32 3.73
N THR A 207 14.72 8.80 4.73
CA THR A 207 13.58 9.66 4.40
C THR A 207 14.05 11.03 3.93
N SER A 208 15.30 11.38 4.18
CA SER A 208 15.80 12.69 3.74
C SER A 208 16.23 12.66 2.27
N ASP A 209 16.97 11.63 1.85
CA ASP A 209 17.62 11.64 0.54
C ASP A 209 17.14 10.54 -0.40
N GLY A 210 16.33 9.61 0.07
CA GLY A 210 15.85 8.54 -0.78
C GLY A 210 16.83 7.38 -0.88
N VAL A 211 16.97 6.81 -2.07
CA VAL A 211 17.85 5.66 -2.30
C VAL A 211 19.31 6.12 -2.35
N HIS A 212 20.17 5.46 -1.57
CA HIS A 212 21.61 5.78 -1.52
C HIS A 212 22.31 4.89 -2.56
N PHE A 213 22.35 5.37 -3.81
CA PHE A 213 22.81 4.51 -4.92
C PHE A 213 24.20 3.95 -4.66
N ASP A 214 25.10 4.75 -4.11
CA ASP A 214 26.50 4.35 -4.07
C ASP A 214 26.80 3.32 -2.99
N VAL A 215 25.85 3.00 -2.12
CA VAL A 215 26.06 1.91 -1.18
C VAL A 215 25.37 0.63 -1.61
N LEU A 216 24.54 0.66 -2.67
CA LEU A 216 23.70 -0.50 -2.99
C LEU A 216 24.52 -1.77 -3.23
N ASP A 217 25.71 -1.65 -3.81
CA ASP A 217 26.53 -2.83 -4.10
C ASP A 217 27.21 -3.39 -2.85
N LYS A 218 27.25 -2.64 -1.76
CA LYS A 218 27.78 -3.12 -0.49
C LYS A 218 26.71 -3.58 0.47
N ILE A 219 25.42 -3.48 0.10
CA ILE A 219 24.35 -3.84 1.03
C ILE A 219 24.29 -5.36 1.17
N GLY A 220 24.23 -5.83 2.41
CA GLY A 220 24.14 -7.25 2.70
C GLY A 220 22.70 -7.74 2.74
N ALA A 221 22.53 -8.94 3.27
CA ALA A 221 21.22 -9.59 3.27
C ALA A 221 20.21 -8.77 4.09
N PRO A 222 18.99 -8.61 3.58
CA PRO A 222 17.97 -7.89 4.35
C PRO A 222 17.43 -8.77 5.46
N PRO A 223 17.32 -8.24 6.68
CA PRO A 223 16.72 -9.05 7.76
C PRO A 223 15.26 -9.32 7.54
N LEU A 224 14.56 -8.54 6.72
CA LEU A 224 13.11 -8.64 6.63
C LEU A 224 12.62 -9.33 5.38
N LEU A 225 13.51 -9.99 4.62
CA LEU A 225 13.11 -10.90 3.54
C LEU A 225 14.04 -12.09 3.52
N ASP A 226 13.50 -13.29 3.37
CA ASP A 226 14.41 -14.41 3.20
C ASP A 226 14.82 -14.51 1.72
N GLU A 227 15.70 -15.46 1.40
CA GLU A 227 16.33 -15.45 0.08
C GLU A 227 15.31 -15.70 -1.03
N GLN A 228 14.30 -16.55 -0.79
CA GLN A 228 13.36 -16.79 -1.88
C GLN A 228 12.30 -15.70 -1.96
N GLU A 229 11.93 -15.09 -0.84
CA GLU A 229 11.09 -13.90 -0.87
C GLU A 229 11.77 -12.78 -1.67
N LEU A 230 13.07 -12.56 -1.42
CA LEU A 230 13.80 -11.51 -2.13
C LEU A 230 13.82 -11.77 -3.62
N GLU A 231 14.06 -13.02 -4.02
CA GLU A 231 14.12 -13.32 -5.45
C GLU A 231 12.75 -13.20 -6.09
N TYR A 232 11.69 -13.47 -5.33
CA TYR A 232 10.34 -13.32 -5.85
C TYR A 232 10.03 -11.86 -6.13
N TYR A 233 10.44 -10.95 -5.23
CA TYR A 233 10.26 -9.52 -5.50
C TYR A 233 11.00 -9.13 -6.76
N VAL A 234 12.23 -9.64 -6.94
CA VAL A 234 12.98 -9.31 -8.15
C VAL A 234 12.25 -9.82 -9.38
N GLU A 235 11.84 -11.08 -9.33
CA GLU A 235 11.21 -11.67 -10.52
C GLU A 235 9.92 -10.94 -10.86
N GLN A 236 9.15 -10.57 -9.84
CA GLN A 236 7.85 -9.94 -10.10
C GLN A 236 8.04 -8.50 -10.58
N TYR A 237 8.95 -7.75 -9.97
CA TYR A 237 9.22 -6.41 -10.46
C TYR A 237 9.78 -6.43 -11.88
N ALA A 238 10.51 -7.51 -12.25
CA ALA A 238 11.09 -7.62 -13.58
C ALA A 238 10.05 -7.90 -14.65
N LEU A 239 8.79 -8.10 -14.26
CA LEU A 239 7.71 -8.25 -15.22
C LEU A 239 7.36 -6.93 -15.88
N GLN A 240 7.67 -5.81 -15.23
CA GLN A 240 7.44 -4.51 -15.83
C GLN A 240 8.46 -4.24 -16.94
N GLU A 241 8.06 -3.47 -17.94
CA GLU A 241 8.98 -3.12 -19.02
C GLU A 241 10.00 -2.09 -18.52
N ALA A 242 11.28 -2.32 -18.82
CA ALA A 242 12.34 -1.36 -18.47
C ALA A 242 12.04 0.07 -18.99
N PRO A 243 12.30 1.09 -18.17
CA PRO A 243 12.75 1.08 -16.77
C PRO A 243 11.65 0.53 -15.84
N GLU A 244 11.98 -0.53 -15.10
CA GLU A 244 10.96 -1.31 -14.39
C GLU A 244 10.27 -0.51 -13.29
N LEU A 245 10.94 0.50 -12.69
CA LEU A 245 10.32 1.25 -11.61
C LEU A 245 9.49 2.43 -12.08
N ARG A 246 9.31 2.64 -13.40
CA ARG A 246 8.48 3.76 -13.83
C ARG A 246 7.08 3.70 -13.21
N GLY A 247 6.43 2.54 -13.31
CA GLY A 247 5.10 2.35 -12.75
C GLY A 247 5.01 2.65 -11.26
N PRO A 248 5.83 1.96 -10.45
CA PRO A 248 5.79 2.25 -9.01
C PRO A 248 6.10 3.71 -8.69
N LEU A 249 7.11 4.30 -9.36
CA LEU A 249 7.47 5.69 -9.09
C LEU A 249 6.41 6.70 -9.54
N ASN A 250 5.50 6.32 -10.45
CA ASN A 250 4.43 7.24 -10.84
C ASN A 250 3.53 7.62 -9.67
N TRP A 251 3.52 6.81 -8.61
CA TRP A 251 2.78 7.16 -7.39
C TRP A 251 3.33 8.42 -6.72
N TYR A 252 4.55 8.86 -7.08
CA TYR A 252 5.11 10.10 -6.55
C TYR A 252 4.94 11.28 -7.49
N ARG A 253 4.30 11.08 -8.64
CA ARG A 253 4.23 12.12 -9.66
C ARG A 253 2.84 12.73 -9.78
N THR A 254 1.95 12.48 -8.80
CA THR A 254 0.54 12.86 -8.91
C THR A 254 0.12 13.94 -7.91
N ARG A 255 1.07 14.61 -7.25
CA ARG A 255 0.68 15.57 -6.22
C ARG A 255 -0.24 16.66 -6.77
N GLU A 256 0.06 17.18 -7.97
CA GLU A 256 -0.78 18.25 -8.52
C GLU A 256 -2.12 17.71 -9.00
N LEU A 257 -2.11 16.55 -9.65
CA LEU A 257 -3.36 15.94 -10.12
C LEU A 257 -4.28 15.60 -8.95
N ASN A 258 -3.73 15.03 -7.87
CA ASN A 258 -4.56 14.75 -6.71
C ASN A 258 -5.09 16.04 -6.08
N ALA A 259 -4.27 17.10 -6.07
CA ALA A 259 -4.71 18.37 -5.47
C ALA A 259 -5.90 18.94 -6.26
N LYS A 260 -5.85 18.85 -7.59
CA LYS A 260 -6.96 19.29 -8.43
C LYS A 260 -8.24 18.55 -8.06
N ASP A 261 -8.17 17.23 -7.99
CA ASP A 261 -9.33 16.43 -7.57
C ASP A 261 -9.86 16.89 -6.22
N GLU A 262 -8.96 17.07 -5.23
CA GLU A 262 -9.43 17.20 -3.87
C GLU A 262 -9.79 18.64 -3.49
N MET A 263 -9.21 19.64 -4.16
CA MET A 263 -9.68 21.02 -3.96
C MET A 263 -11.14 21.17 -4.40
N ASP A 264 -11.54 20.43 -5.44
CA ASP A 264 -12.93 20.42 -5.82
C ASP A 264 -13.82 19.82 -4.73
N ARG A 265 -13.36 18.73 -4.08
CA ARG A 265 -14.15 18.11 -3.02
CA ARG A 265 -14.16 18.12 -3.02
C ARG A 265 -14.13 18.96 -1.75
N ALA A 266 -13.00 19.62 -1.47
CA ALA A 266 -12.93 20.49 -0.30
C ALA A 266 -13.93 21.64 -0.41
N LYS A 267 -14.21 22.12 -1.63
CA LYS A 267 -15.12 23.27 -1.76
C LYS A 267 -16.58 22.86 -1.96
N ASN A 268 -16.83 21.77 -2.70
CA ASN A 268 -18.19 21.40 -3.09
C ASN A 268 -18.64 20.03 -2.60
N GLY A 269 -17.72 19.07 -2.43
CA GLY A 269 -18.10 17.72 -2.13
C GLY A 269 -18.40 17.60 -0.67
N PRO A 270 -18.80 16.39 -0.26
CA PRO A 270 -19.07 16.14 1.15
C PRO A 270 -17.79 16.19 1.97
N PRO A 271 -17.90 16.39 3.28
CA PRO A 271 -16.70 16.38 4.10
C PRO A 271 -16.12 14.97 4.18
N LEU A 272 -14.82 14.93 4.44
CA LEU A 272 -14.17 13.72 4.89
C LEU A 272 -14.81 13.27 6.18
N ARG A 273 -15.50 12.15 6.15
CA ARG A 273 -16.37 11.70 7.24
C ARG A 273 -16.60 10.21 7.10
N PHE A 274 -16.11 9.41 8.02
CA PHE A 274 -16.23 7.96 7.90
C PHE A 274 -17.23 7.44 8.94
N GLU A 275 -18.38 6.97 8.47
CA GLU A 275 -19.41 6.41 9.33
C GLU A 275 -19.23 4.92 9.57
N MET A 276 -18.49 4.23 8.70
CA MET A 276 -18.30 2.79 8.86
C MET A 276 -17.18 2.50 9.85
N PRO A 277 -17.19 1.31 10.49
CA PRO A 277 -16.11 0.95 11.40
C PRO A 277 -14.76 1.04 10.69
N ALA A 278 -13.80 1.63 11.39
CA ALA A 278 -12.48 1.89 10.84
C ALA A 278 -11.43 1.47 11.86
N LEU A 279 -10.28 1.02 11.36
CA LEU A 279 -9.14 0.69 12.20
C LEU A 279 -7.87 1.31 11.63
N PHE A 280 -7.07 1.92 12.50
CA PHE A 280 -5.75 2.44 12.14
C PHE A 280 -4.71 1.75 13.00
N VAL A 281 -3.74 1.08 12.36
CA VAL A 281 -2.62 0.43 13.06
C VAL A 281 -1.35 1.23 12.78
N ALA A 282 -0.90 2.00 13.77
CA ALA A 282 0.35 2.74 13.70
C ALA A 282 1.56 1.81 13.91
N ALA A 283 2.70 2.22 13.37
CA ALA A 283 3.95 1.47 13.51
C ALA A 283 4.98 2.38 14.16
N SER A 284 5.46 1.97 15.34
CA SER A 284 6.24 2.85 16.21
C SER A 284 7.52 3.34 15.54
N LYS A 285 8.16 2.49 14.74
CA LYS A 285 9.47 2.81 14.18
C LYS A 285 9.40 3.18 12.70
N ASP A 286 8.23 3.57 12.20
CA ASP A 286 8.12 4.03 10.81
C ASP A 286 8.49 5.52 10.75
N ASN A 287 9.65 5.83 10.16
CA ASN A 287 10.13 7.21 10.03
C ASN A 287 9.47 8.00 8.91
N ALA A 288 8.95 7.30 7.89
CA ALA A 288 8.21 7.96 6.84
C ALA A 288 6.79 8.29 7.27
N LEU A 289 6.15 7.40 8.03
CA LEU A 289 4.76 7.56 8.48
C LEU A 289 4.70 7.42 9.99
N PRO A 290 5.23 8.40 10.72
CA PRO A 290 5.36 8.25 12.16
C PRO A 290 4.01 8.32 12.85
N PRO A 291 3.83 7.64 13.98
CA PRO A 291 2.52 7.64 14.64
C PRO A 291 2.01 9.04 14.97
N ALA A 292 2.91 9.96 15.36
CA ALA A 292 2.48 11.31 15.69
C ALA A 292 1.76 12.00 14.54
N MET A 293 1.97 11.56 13.30
CA MET A 293 1.29 12.17 12.17
C MET A 293 -0.22 11.92 12.20
N SER A 294 -0.69 10.95 12.99
CA SER A 294 -2.12 10.66 13.08
C SER A 294 -2.86 11.58 14.07
N LYS A 295 -2.16 12.53 14.69
CA LYS A 295 -2.71 13.70 15.40
C LYS A 295 -4.23 13.78 15.56
N GLY A 296 -4.88 14.64 14.80
CA GLY A 296 -6.30 14.82 15.05
C GLY A 296 -7.17 13.95 14.17
N MET A 297 -6.67 12.76 13.85
CA MET A 297 -7.37 11.88 12.90
C MET A 297 -8.75 11.49 13.40
N ASP A 298 -8.89 11.31 14.72
CA ASP A 298 -10.10 10.73 15.29
C ASP A 298 -11.34 11.58 15.03
N ALA A 299 -11.15 12.89 14.87
CA ALA A 299 -12.26 13.79 14.62
C ALA A 299 -13.01 13.47 13.33
N PHE A 300 -12.39 12.76 12.38
CA PHE A 300 -13.03 12.49 11.10
C PHE A 300 -13.82 11.17 11.08
N TYR A 301 -13.94 10.47 12.22
CA TYR A 301 -14.50 9.13 12.26
C TYR A 301 -15.61 9.02 13.29
N LYS A 302 -16.67 8.34 12.90
CA LYS A 302 -17.68 7.95 13.87
C LYS A 302 -17.20 6.80 14.75
N ASP A 303 -16.32 5.91 14.23
CA ASP A 303 -16.05 4.62 14.86
C ASP A 303 -14.65 4.17 14.45
N LEU A 304 -13.63 4.83 15.01
CA LEU A 304 -12.23 4.53 14.72
C LEU A 304 -11.62 3.81 15.90
N THR A 305 -11.16 2.58 15.66
CA THR A 305 -10.32 1.83 16.58
C THR A 305 -8.84 2.10 16.28
N ARG A 306 -8.07 2.37 17.32
CA ARG A 306 -6.64 2.61 17.18
C ARG A 306 -5.83 1.44 17.72
N ALA A 307 -4.68 1.19 17.09
CA ALA A 307 -3.69 0.25 17.62
C ALA A 307 -2.30 0.77 17.24
N GLU A 308 -1.29 0.21 17.89
CA GLU A 308 0.08 0.58 17.52
C GLU A 308 0.96 -0.62 17.78
N VAL A 309 1.69 -1.07 16.75
CA VAL A 309 2.64 -2.16 16.90
C VAL A 309 4.06 -1.59 16.91
N ASP A 310 4.91 -2.22 17.70
CA ASP A 310 6.31 -1.83 17.79
C ASP A 310 7.02 -2.50 16.62
N ALA A 311 7.11 -1.79 15.50
CA ALA A 311 7.68 -2.37 14.29
C ALA A 311 8.11 -1.24 13.37
N THR A 312 8.96 -1.61 12.40
CA THR A 312 9.38 -0.70 11.34
C THR A 312 8.22 -0.46 10.39
N HIS A 313 8.51 0.25 9.31
CA HIS A 313 7.56 0.42 8.23
C HIS A 313 6.99 -0.91 7.74
N TRP A 314 7.78 -1.99 7.77
CA TRP A 314 7.31 -3.27 7.24
C TRP A 314 6.54 -4.09 8.27
N ALA A 315 5.51 -3.47 8.83
CA ALA A 315 4.81 -4.02 9.98
C ALA A 315 3.96 -5.24 9.62
N LEU A 316 3.50 -5.35 8.36
CA LEU A 316 2.67 -6.46 7.94
C LEU A 316 3.40 -7.79 8.05
N THR A 317 4.72 -7.75 7.89
CA THR A 317 5.55 -8.94 7.85
C THR A 317 6.38 -9.05 9.12
N GLN A 318 7.05 -7.96 9.50
CA GLN A 318 7.89 -7.96 10.70
C GLN A 318 7.06 -8.28 11.94
N ALA A 319 5.83 -7.79 11.99
CA ALA A 319 4.93 -8.04 13.11
C ALA A 319 3.65 -8.69 12.60
N GLY A 320 3.80 -9.64 11.67
CA GLY A 320 2.64 -10.21 11.00
C GLY A 320 1.65 -10.87 11.95
N ASP A 321 2.14 -11.64 12.93
CA ASP A 321 1.20 -12.32 13.80
C ASP A 321 0.44 -11.32 14.66
N GLU A 322 1.13 -10.29 15.15
CA GLU A 322 0.47 -9.26 15.95
C GLU A 322 -0.54 -8.45 15.13
N VAL A 323 -0.17 -8.05 13.91
CA VAL A 323 -1.09 -7.30 13.06
C VAL A 323 -2.31 -8.16 12.72
N ASN A 324 -2.09 -9.44 12.42
CA ASN A 324 -3.21 -10.35 12.16
C ASN A 324 -4.18 -10.36 13.32
N ARG A 325 -3.66 -10.49 14.55
CA ARG A 325 -4.52 -10.53 15.73
C ARG A 325 -5.28 -9.23 15.91
N VAL A 326 -4.60 -8.08 15.74
CA VAL A 326 -5.29 -6.79 15.86
C VAL A 326 -6.43 -6.69 14.84
N ILE A 327 -6.16 -7.06 13.59
CA ILE A 327 -7.19 -6.98 12.55
C ILE A 327 -8.33 -7.93 12.85
N GLY A 328 -8.02 -9.19 13.16
CA GLY A 328 -9.07 -10.18 13.37
C GLY A 328 -9.98 -9.82 14.53
N GLU A 329 -9.40 -9.37 15.65
CA GLU A 329 -10.21 -9.00 16.80
C GLU A 329 -11.06 -7.77 16.50
N TRP A 330 -10.50 -6.76 15.81
CA TRP A 330 -11.31 -5.62 15.40
C TRP A 330 -12.41 -6.02 14.43
N LEU A 331 -12.06 -6.83 13.42
CA LEU A 331 -13.05 -7.25 12.44
C LEU A 331 -14.20 -8.00 13.12
N ASN A 332 -13.86 -8.90 14.05
CA ASN A 332 -14.87 -9.63 14.81
C ASN A 332 -15.82 -8.68 15.54
N LYS A 333 -15.29 -7.62 16.17
CA LYS A 333 -16.18 -6.66 16.81
C LYS A 333 -16.97 -5.84 15.78
N ALA A 334 -16.27 -5.32 14.76
CA ALA A 334 -16.92 -4.49 13.75
C ALA A 334 -18.08 -5.20 13.07
N LEU A 335 -17.90 -6.46 12.70
CA LEU A 335 -18.94 -7.13 11.93
C LEU A 335 -20.07 -7.65 12.81
N GLY A 336 -19.88 -7.70 14.13
CA GLY A 336 -20.82 -8.30 15.07
C GLY A 336 -21.59 -7.33 15.95
#